data_7V1D
#
_entry.id   7V1D
#
_cell.length_a   35.182
_cell.length_b   90.752
_cell.length_c   44.495
_cell.angle_alpha   90.000
_cell.angle_beta   91.130
_cell.angle_gamma   90.000
#
_symmetry.space_group_name_H-M   'P 1 21 1'
#
loop_
_entity.id
_entity.type
_entity.pdbx_description
1 polymer 'Core protein'
2 non-polymer S-ADENOSYL-L-HOMOCYSTEINE
3 non-polymer "GUANOSINE-P3-ADENOSINE-5',5'-TRIPHOSPHATE"
4 non-polymer GLYCEROL
5 non-polymer 'ISOPROPYL ALCOHOL'
6 non-polymer DI(HYDROXYETHYL)ETHER
7 water water
#
_entity_poly.entity_id   1
_entity_poly.type   'polypeptide(L)'
_entity_poly.pdbx_seq_one_letter_code
;MTLGDLWKRRLNNCTKEEFFAYRRTGILETERDKARELLRKGETNMGLAVSRGTAKLAWLEERGYVNLKGEVVDLGCGRG
GWSYYAASRPAVMGVKAYTIGGKGHEAPKMVTSLGWNLIKFRAGMDVFTMQPHRADTVMCDIGESSPDAAIEGERTRKVI
LLMEQWKNRNPSASCVFKVLAPYRPEVIEALHRFQLQWGGGLVRTPFSRNSTHEMYYSTAISGNIVNSVNVQSRKLLARF
GDQRGPIRVPEMDLGVGTRHHHHHH
;
_entity_poly.pdbx_strand_id   A
#
# COMPACT_ATOMS: atom_id res chain seq x y z
N MET A 1 24.39 -8.87 -4.83
CA MET A 1 23.78 -7.79 -4.07
C MET A 1 23.32 -6.70 -5.01
N THR A 2 22.16 -6.13 -4.74
CA THR A 2 21.55 -5.13 -5.60
C THR A 2 21.86 -3.72 -5.10
N LEU A 3 21.53 -2.74 -5.95
CA LEU A 3 21.66 -1.36 -5.53
C LEU A 3 20.74 -1.06 -4.35
N GLY A 4 19.55 -1.64 -4.36
CA GLY A 4 18.65 -1.44 -3.22
C GLY A 4 19.15 -2.09 -1.95
N ASP A 5 19.80 -3.26 -2.04
CA ASP A 5 20.47 -3.82 -0.86
C ASP A 5 21.49 -2.84 -0.28
N LEU A 6 22.24 -2.16 -1.15
CA LEU A 6 23.19 -1.15 -0.71
C LEU A 6 22.48 0.02 -0.04
N TRP A 7 21.39 0.49 -0.66
CA TRP A 7 20.60 1.56 -0.08
C TRP A 7 20.17 1.21 1.34
N LYS A 8 19.70 -0.01 1.55
CA LYS A 8 19.20 -0.43 2.87
C LYS A 8 20.30 -0.40 3.91
N ARG A 9 21.51 -0.84 3.52
CA ARG A 9 22.66 -0.80 4.43
C ARG A 9 23.06 0.63 4.73
N ARG A 10 23.03 1.50 3.73
N ARG A 10 23.05 1.50 3.72
CA ARG A 10 23.38 2.90 3.95
CA ARG A 10 23.38 2.90 3.95
C ARG A 10 22.37 3.56 4.86
C ARG A 10 22.37 3.55 4.87
N LEU A 11 21.09 3.23 4.67
CA LEU A 11 20.04 3.75 5.55
C LEU A 11 20.30 3.31 6.99
N ASN A 12 20.57 2.02 7.19
CA ASN A 12 20.79 1.53 8.54
C ASN A 12 22.06 2.13 9.16
N ASN A 13 22.96 2.66 8.36
CA ASN A 13 24.21 3.25 8.86
C ASN A 13 24.07 4.72 9.25
N CYS A 14 22.92 5.34 8.97
CA CYS A 14 22.73 6.76 9.27
C CYS A 14 22.74 7.03 10.77
N THR A 15 23.38 8.15 11.15
CA THR A 15 23.14 8.72 12.48
C THR A 15 21.67 9.12 12.59
N LYS A 16 21.22 9.33 13.83
CA LYS A 16 19.83 9.75 14.01
C LYS A 16 19.53 11.06 13.31
N GLU A 17 20.46 12.02 13.41
CA GLU A 17 20.27 13.30 12.71
C GLU A 17 20.21 13.12 11.20
N GLU A 18 21.05 12.23 10.66
CA GLU A 18 20.99 11.94 9.23
C GLU A 18 19.68 11.23 8.87
N PHE A 19 19.21 10.36 9.77
CA PHE A 19 17.97 9.66 9.51
C PHE A 19 16.78 10.62 9.50
N PHE A 20 16.71 11.52 10.49
CA PHE A 20 15.62 12.50 10.56
C PHE A 20 15.64 13.44 9.36
N ALA A 21 16.84 13.80 8.88
CA ALA A 21 16.90 14.68 7.72
C ALA A 21 16.51 13.96 6.43
N TYR A 22 16.74 12.64 6.36
CA TYR A 22 16.55 11.89 5.13
C TYR A 22 15.10 11.45 4.94
N ARG A 23 14.48 10.89 5.98
CA ARG A 23 13.28 10.07 5.82
C ARG A 23 12.16 10.77 5.06
N ARG A 24 12.04 12.09 5.19
CA ARG A 24 10.90 12.81 4.63
C ARG A 24 11.26 13.84 3.57
N THR A 25 12.54 13.96 3.20
CA THR A 25 12.92 15.03 2.28
C THR A 25 12.35 14.79 0.90
N GLY A 26 11.65 15.80 0.37
CA GLY A 26 11.13 15.76 -0.97
C GLY A 26 9.88 14.94 -1.18
N ILE A 27 9.27 14.42 -0.13
CA ILE A 27 8.10 13.55 -0.27
C ILE A 27 6.82 14.34 -0.03
N LEU A 28 5.74 13.89 -0.66
CA LEU A 28 4.41 14.44 -0.37
C LEU A 28 3.91 13.89 0.97
N GLU A 29 3.36 14.77 1.80
CA GLU A 29 2.77 14.35 3.06
C GLU A 29 1.45 15.07 3.27
N THR A 30 0.40 14.31 3.54
CA THR A 30 -0.89 14.92 3.79
C THR A 30 -0.90 15.58 5.17
N GLU A 31 -1.69 16.64 5.27
CA GLU A 31 -1.88 17.39 6.51
C GLU A 31 -2.92 16.70 7.38
N ARG A 32 -2.48 16.00 8.42
CA ARG A 32 -3.38 15.17 9.21
C ARG A 32 -3.73 15.80 10.56
N ASP A 33 -3.42 17.08 10.76
CA ASP A 33 -3.71 17.78 12.02
C ASP A 33 -5.13 17.51 12.51
N LYS A 34 -6.12 17.75 11.66
CA LYS A 34 -7.51 17.59 12.07
C LYS A 34 -7.94 16.13 12.10
N ALA A 35 -7.55 15.35 11.09
CA ALA A 35 -7.96 13.94 11.06
C ALA A 35 -7.44 13.17 12.27
N ARG A 36 -6.16 13.36 12.59
CA ARG A 36 -5.54 12.63 13.70
C ARG A 36 -6.31 12.79 15.00
N GLU A 37 -6.74 14.02 15.31
CA GLU A 37 -7.41 14.25 16.59
C GLU A 37 -8.89 13.87 16.55
N LEU A 38 -9.53 13.95 15.39
CA LEU A 38 -10.88 13.42 15.28
C LEU A 38 -10.88 11.93 15.55
N LEU A 39 -9.87 11.22 15.04
CA LEU A 39 -9.79 9.77 15.25
C LEU A 39 -9.47 9.46 16.70
N ARG A 40 -8.62 10.26 17.33
CA ARG A 40 -8.25 10.02 18.72
C ARG A 40 -9.43 10.22 19.66
N LYS A 41 -10.22 11.27 19.44
CA LYS A 41 -11.38 11.54 20.28
C LYS A 41 -12.60 10.68 19.91
N GLY A 42 -12.45 9.72 18.99
CA GLY A 42 -13.52 8.80 18.67
C GLY A 42 -14.66 9.37 17.85
N GLU A 43 -14.40 10.38 17.03
CA GLU A 43 -15.45 10.90 16.16
C GLU A 43 -15.70 9.92 15.02
N THR A 44 -16.96 9.61 14.75
CA THR A 44 -17.25 8.70 13.66
C THR A 44 -17.93 9.35 12.46
N ASN A 45 -18.40 10.58 12.58
CA ASN A 45 -18.98 11.26 11.42
C ASN A 45 -17.90 12.10 10.76
N MET A 46 -17.09 11.45 9.93
CA MET A 46 -15.99 12.16 9.29
C MET A 46 -15.62 11.43 8.02
N GLY A 47 -15.22 12.18 7.01
CA GLY A 47 -14.81 11.63 5.74
C GLY A 47 -13.34 11.89 5.45
N LEU A 48 -12.64 12.53 6.38
CA LEU A 48 -11.19 12.67 6.27
C LEU A 48 -10.54 11.29 6.38
N ALA A 49 -9.43 11.11 5.68
CA ALA A 49 -8.83 9.79 5.58
C ALA A 49 -8.44 9.27 6.97
N VAL A 50 -8.72 7.98 7.20
CA VAL A 50 -8.40 7.37 8.49
C VAL A 50 -6.93 7.03 8.63
N SER A 51 -6.18 7.13 7.53
CA SER A 51 -4.78 6.75 7.47
C SER A 51 -4.13 7.43 6.27
N ARG A 52 -2.81 7.36 6.21
CA ARG A 52 -2.10 7.91 5.05
C ARG A 52 -2.22 7.01 3.81
N GLY A 53 -2.85 5.85 3.92
CA GLY A 53 -2.99 4.99 2.76
C GLY A 53 -4.01 5.51 1.77
N THR A 54 -5.03 6.24 2.24
CA THR A 54 -6.09 6.67 1.34
C THR A 54 -5.53 7.51 0.21
N ALA A 55 -4.69 8.49 0.53
CA ALA A 55 -4.13 9.34 -0.52
C ALA A 55 -3.25 8.55 -1.47
N LYS A 56 -2.55 7.51 -0.98
CA LYS A 56 -1.72 6.73 -1.89
C LYS A 56 -2.56 5.99 -2.91
N LEU A 57 -3.63 5.32 -2.47
CA LEU A 57 -4.46 4.63 -3.44
C LEU A 57 -5.17 5.61 -4.35
N ALA A 58 -5.58 6.77 -3.83
CA ALA A 58 -6.20 7.77 -4.68
C ALA A 58 -5.24 8.20 -5.78
N TRP A 59 -3.97 8.40 -5.43
CA TRP A 59 -2.99 8.81 -6.43
C TRP A 59 -2.86 7.75 -7.52
N LEU A 60 -2.76 6.47 -7.12
CA LEU A 60 -2.68 5.38 -8.10
C LEU A 60 -3.89 5.37 -9.03
N GLU A 61 -5.09 5.56 -8.48
N GLU A 61 -5.09 5.56 -8.49
CA GLU A 61 -6.29 5.54 -9.32
CA GLU A 61 -6.26 5.53 -9.37
C GLU A 61 -6.33 6.76 -10.25
C GLU A 61 -6.31 6.76 -10.27
N GLU A 62 -5.99 7.94 -9.72
CA GLU A 62 -6.03 9.17 -10.55
C GLU A 62 -5.00 9.13 -11.66
N ARG A 63 -3.85 8.52 -11.42
CA ARG A 63 -2.85 8.31 -12.45
C ARG A 63 -3.31 7.27 -13.48
N GLY A 64 -4.37 6.52 -13.18
CA GLY A 64 -4.82 5.46 -14.04
C GLY A 64 -4.02 4.18 -13.89
N TYR A 65 -3.32 4.02 -12.77
CA TYR A 65 -2.48 2.84 -12.57
C TYR A 65 -3.21 1.67 -11.92
N VAL A 66 -4.42 1.88 -11.41
CA VAL A 66 -5.19 0.78 -10.83
C VAL A 66 -6.62 0.89 -11.31
N ASN A 67 -7.28 -0.28 -11.43
CA ASN A 67 -8.68 -0.38 -11.78
C ASN A 67 -9.43 -0.88 -10.54
N LEU A 68 -10.24 -0.01 -9.92
CA LEU A 68 -11.03 -0.37 -8.75
C LEU A 68 -12.49 -0.50 -9.16
N LYS A 69 -13.02 -1.72 -9.13
CA LYS A 69 -14.37 -1.91 -9.63
C LYS A 69 -14.97 -3.18 -9.02
N GLY A 70 -16.31 -3.22 -9.01
CA GLY A 70 -17.00 -4.46 -8.67
C GLY A 70 -16.89 -4.81 -7.19
N GLU A 71 -16.80 -6.11 -6.92
CA GLU A 71 -16.60 -6.59 -5.56
C GLU A 71 -15.11 -6.53 -5.24
N VAL A 72 -14.75 -5.69 -4.27
CA VAL A 72 -13.36 -5.46 -3.89
C VAL A 72 -13.07 -6.26 -2.64
N VAL A 73 -11.87 -6.84 -2.57
N VAL A 73 -11.89 -6.86 -2.56
CA VAL A 73 -11.36 -7.43 -1.32
CA VAL A 73 -11.39 -7.42 -1.30
C VAL A 73 -10.12 -6.65 -0.92
C VAL A 73 -10.13 -6.65 -0.92
N ASP A 74 -10.04 -6.29 0.36
CA ASP A 74 -8.92 -5.54 0.93
C ASP A 74 -8.23 -6.47 1.93
N LEU A 75 -7.08 -7.01 1.53
CA LEU A 75 -6.37 -7.98 2.35
C LEU A 75 -5.33 -7.27 3.22
N GLY A 76 -5.52 -7.34 4.54
CA GLY A 76 -4.71 -6.58 5.47
C GLY A 76 -5.14 -5.12 5.49
N CYS A 77 -6.39 -4.88 5.83
CA CYS A 77 -6.90 -3.52 5.67
C CYS A 77 -6.42 -2.55 6.75
N GLY A 78 -5.89 -3.04 7.86
CA GLY A 78 -5.43 -2.16 8.94
C GLY A 78 -6.55 -1.24 9.41
N ARG A 79 -6.24 0.05 9.48
CA ARG A 79 -7.25 1.04 9.84
C ARG A 79 -8.34 1.18 8.80
N GLY A 80 -8.06 0.81 7.56
CA GLY A 80 -9.08 0.78 6.54
C GLY A 80 -9.00 1.87 5.49
N GLY A 81 -7.85 2.54 5.35
CA GLY A 81 -7.78 3.69 4.44
C GLY A 81 -8.07 3.32 2.99
N TRP A 82 -7.62 2.13 2.57
CA TRP A 82 -7.94 1.67 1.21
C TRP A 82 -9.38 1.20 1.06
N SER A 83 -9.93 0.60 2.11
CA SER A 83 -11.32 0.17 2.05
C SER A 83 -12.27 1.35 1.92
N TYR A 84 -12.06 2.39 2.74
CA TYR A 84 -12.91 3.57 2.63
C TYR A 84 -12.74 4.28 1.30
N TYR A 85 -11.51 4.32 0.78
CA TYR A 85 -11.34 4.88 -0.57
C TYR A 85 -12.13 4.07 -1.59
N ALA A 86 -11.97 2.74 -1.59
CA ALA A 86 -12.67 1.94 -2.59
C ALA A 86 -14.17 2.07 -2.44
N ALA A 87 -14.66 2.08 -1.21
CA ALA A 87 -16.10 2.18 -0.97
C ALA A 87 -16.71 3.48 -1.48
N SER A 88 -15.92 4.56 -1.59
CA SER A 88 -16.45 5.82 -2.11
C SER A 88 -16.50 5.88 -3.63
N ARG A 89 -15.92 4.89 -4.34
CA ARG A 89 -15.82 4.92 -5.81
C ARG A 89 -17.09 4.36 -6.45
N PRO A 90 -17.69 5.12 -7.37
CA PRO A 90 -18.96 4.67 -7.98
C PRO A 90 -18.90 3.30 -8.62
N ALA A 91 -17.77 2.95 -9.23
CA ALA A 91 -17.68 1.66 -9.89
C ALA A 91 -17.61 0.49 -8.91
N VAL A 92 -17.40 0.75 -7.61
CA VAL A 92 -17.24 -0.31 -6.62
C VAL A 92 -18.59 -0.62 -6.01
N MET A 93 -18.91 -1.90 -5.91
CA MET A 93 -20.21 -2.34 -5.42
C MET A 93 -20.17 -2.80 -3.97
N GLY A 94 -19.03 -3.26 -3.51
CA GLY A 94 -18.87 -3.73 -2.15
C GLY A 94 -17.41 -3.97 -1.86
N VAL A 95 -17.07 -3.94 -0.58
CA VAL A 95 -15.71 -4.18 -0.12
C VAL A 95 -15.77 -5.22 0.99
N LYS A 96 -15.00 -6.30 0.86
CA LYS A 96 -14.76 -7.19 1.98
C LYS A 96 -13.34 -6.97 2.46
N ALA A 97 -13.20 -6.50 3.70
CA ALA A 97 -11.92 -6.05 4.25
C ALA A 97 -11.53 -6.98 5.40
N TYR A 98 -10.28 -7.41 5.42
CA TYR A 98 -9.79 -8.38 6.40
C TYR A 98 -8.52 -7.87 7.03
N THR A 99 -8.38 -8.04 8.36
CA THR A 99 -7.12 -7.67 8.98
C THR A 99 -6.95 -8.42 10.30
N ILE A 100 -5.70 -8.63 10.69
CA ILE A 100 -5.42 -9.52 11.83
C ILE A 100 -5.74 -8.82 13.15
N GLY A 101 -5.41 -7.54 13.26
CA GLY A 101 -5.72 -6.87 14.53
C GLY A 101 -4.85 -7.43 15.65
N GLY A 102 -5.28 -7.15 16.88
CA GLY A 102 -4.55 -7.64 18.03
C GLY A 102 -3.36 -6.77 18.41
N LYS A 103 -2.50 -7.33 19.28
CA LYS A 103 -1.44 -6.55 19.90
C LYS A 103 -0.45 -6.06 18.86
N GLY A 104 -0.26 -4.74 18.82
CA GLY A 104 0.71 -4.16 17.91
C GLY A 104 0.24 -3.96 16.48
N HIS A 105 -0.98 -4.39 16.15
CA HIS A 105 -1.52 -4.24 14.79
C HIS A 105 -2.76 -3.36 14.83
N GLU A 106 -3.01 -2.63 13.74
CA GLU A 106 -4.11 -1.69 13.71
C GLU A 106 -5.44 -2.39 13.43
N ALA A 107 -6.45 -2.02 14.19
CA ALA A 107 -7.80 -2.46 13.93
C ALA A 107 -8.50 -1.45 13.04
N PRO A 108 -9.58 -1.85 12.35
CA PRO A 108 -10.29 -0.91 11.49
C PRO A 108 -10.82 0.28 12.29
N LYS A 109 -10.61 1.48 11.76
CA LYS A 109 -11.28 2.67 12.28
C LYS A 109 -12.69 2.73 11.72
N MET A 110 -13.69 2.91 12.58
CA MET A 110 -15.09 2.87 12.17
C MET A 110 -15.62 4.29 12.01
N VAL A 111 -15.88 4.71 10.76
CA VAL A 111 -16.36 6.05 10.44
C VAL A 111 -17.43 5.93 9.37
N THR A 112 -18.15 7.04 9.13
CA THR A 112 -19.23 7.10 8.15
C THR A 112 -18.78 7.70 6.81
N SER A 113 -17.50 7.58 6.49
CA SER A 113 -16.97 7.94 5.19
C SER A 113 -17.86 7.39 4.08
N LEU A 114 -17.94 8.13 2.97
CA LEU A 114 -18.94 7.82 1.95
C LEU A 114 -18.82 6.38 1.47
N GLY A 115 -19.93 5.64 1.55
CA GLY A 115 -19.97 4.25 1.15
C GLY A 115 -19.60 3.26 2.23
N TRP A 116 -19.44 3.73 3.48
CA TRP A 116 -19.05 2.84 4.57
C TRP A 116 -19.98 1.64 4.72
N ASN A 117 -21.26 1.82 4.39
CA ASN A 117 -22.22 0.75 4.55
C ASN A 117 -21.96 -0.39 3.58
N LEU A 118 -21.15 -0.17 2.53
CA LEU A 118 -20.81 -1.21 1.58
C LEU A 118 -19.60 -2.03 1.99
N ILE A 119 -18.99 -1.71 3.13
CA ILE A 119 -17.81 -2.42 3.62
C ILE A 119 -18.20 -3.41 4.70
N LYS A 120 -17.68 -4.61 4.60
CA LYS A 120 -17.79 -5.61 5.66
C LYS A 120 -16.38 -5.78 6.22
N PHE A 121 -16.12 -5.21 7.39
CA PHE A 121 -14.81 -5.34 8.05
C PHE A 121 -14.79 -6.62 8.86
N ARG A 122 -13.72 -7.39 8.75
CA ARG A 122 -13.52 -8.56 9.62
C ARG A 122 -12.12 -8.46 10.21
N ALA A 123 -12.04 -8.15 11.51
CA ALA A 123 -10.74 -8.17 12.18
C ALA A 123 -10.54 -9.55 12.81
N GLY A 124 -9.32 -9.81 13.27
CA GLY A 124 -9.00 -11.12 13.78
C GLY A 124 -8.82 -12.17 12.70
N MET A 125 -8.56 -11.77 11.46
CA MET A 125 -8.44 -12.68 10.33
C MET A 125 -7.02 -12.67 9.79
N ASP A 126 -6.43 -13.85 9.61
CA ASP A 126 -5.13 -13.98 8.97
C ASP A 126 -5.34 -14.29 7.49
N VAL A 127 -5.02 -13.33 6.61
CA VAL A 127 -5.29 -13.55 5.20
C VAL A 127 -4.37 -14.60 4.60
N PHE A 128 -3.22 -14.86 5.21
CA PHE A 128 -2.30 -15.84 4.61
C PHE A 128 -2.80 -17.27 4.70
N THR A 129 -3.71 -17.56 5.64
CA THR A 129 -4.31 -18.89 5.75
C THR A 129 -5.79 -18.92 5.39
N MET A 130 -6.34 -17.80 4.93
CA MET A 130 -7.76 -17.72 4.61
C MET A 130 -7.99 -18.17 3.16
N GLN A 131 -9.05 -18.93 2.94
CA GLN A 131 -9.31 -19.43 1.60
C GLN A 131 -9.79 -18.28 0.72
N PRO A 132 -9.23 -18.12 -0.48
CA PRO A 132 -9.70 -17.05 -1.37
C PRO A 132 -11.14 -17.28 -1.82
N HIS A 133 -11.81 -16.18 -2.18
CA HIS A 133 -13.17 -16.28 -2.68
C HIS A 133 -13.31 -15.32 -3.85
N ARG A 134 -14.54 -15.15 -4.33
CA ARG A 134 -14.77 -14.36 -5.53
C ARG A 134 -14.41 -12.91 -5.27
N ALA A 135 -13.79 -12.28 -6.26
CA ALA A 135 -13.47 -10.87 -6.20
C ALA A 135 -13.24 -10.39 -7.62
N ASP A 136 -13.66 -9.15 -7.89
CA ASP A 136 -13.33 -8.44 -9.11
C ASP A 136 -12.03 -7.65 -9.00
N THR A 137 -11.73 -7.14 -7.82
CA THR A 137 -10.54 -6.35 -7.52
C THR A 137 -9.95 -6.90 -6.24
N VAL A 138 -8.64 -7.17 -6.22
CA VAL A 138 -7.96 -7.63 -5.02
C VAL A 138 -6.87 -6.61 -4.66
N MET A 139 -6.91 -6.13 -3.41
CA MET A 139 -6.02 -5.08 -2.90
C MET A 139 -5.28 -5.68 -1.72
N CYS A 140 -3.98 -5.39 -1.58
CA CYS A 140 -3.27 -5.86 -0.40
C CYS A 140 -2.16 -4.86 -0.08
N ASP A 141 -2.24 -4.19 1.06
CA ASP A 141 -1.24 -3.21 1.46
C ASP A 141 -0.35 -3.74 2.59
N ILE A 142 -0.02 -5.02 2.58
CA ILE A 142 0.70 -5.66 3.68
C ILE A 142 2.19 -5.55 3.45
N GLY A 143 2.92 -5.25 4.52
CA GLY A 143 4.37 -5.29 4.46
C GLY A 143 4.92 -4.38 5.54
N GLU A 144 5.33 -4.97 6.63
CA GLU A 144 5.84 -4.23 7.77
C GLU A 144 7.36 -4.06 7.63
N SER A 145 7.82 -2.82 7.73
CA SER A 145 9.25 -2.55 7.58
C SER A 145 10.06 -3.30 8.63
N SER A 146 11.30 -3.64 8.30
CA SER A 146 12.20 -4.20 9.29
C SER A 146 13.59 -3.69 8.93
N PRO A 147 14.42 -3.41 9.94
CA PRO A 147 15.84 -3.09 9.64
C PRO A 147 16.54 -4.22 8.93
N ASP A 148 16.05 -5.44 9.11
CA ASP A 148 16.62 -6.65 8.51
C ASP A 148 16.03 -6.83 7.11
N ALA A 149 16.86 -6.71 6.08
CA ALA A 149 16.36 -6.78 4.71
C ALA A 149 15.90 -8.19 4.34
N ALA A 150 16.51 -9.22 4.94
CA ALA A 150 16.04 -10.58 4.68
C ALA A 150 14.64 -10.80 5.24
N ILE A 151 14.30 -10.17 6.36
CA ILE A 151 12.95 -10.26 6.88
C ILE A 151 11.97 -9.51 5.98
N GLU A 152 12.33 -8.29 5.56
CA GLU A 152 11.49 -7.58 4.58
C GLU A 152 11.27 -8.42 3.33
N GLY A 153 12.31 -9.11 2.86
CA GLY A 153 12.15 -9.92 1.66
C GLY A 153 11.21 -11.10 1.87
N GLU A 154 11.29 -11.74 3.05
CA GLU A 154 10.38 -12.84 3.36
C GLU A 154 8.94 -12.36 3.47
N ARG A 155 8.71 -11.24 4.17
CA ARG A 155 7.37 -10.65 4.25
C ARG A 155 6.81 -10.34 2.86
N THR A 156 7.66 -9.80 1.98
CA THR A 156 7.23 -9.48 0.62
C THR A 156 6.88 -10.74 -0.16
N ARG A 157 7.69 -11.78 -0.03
CA ARG A 157 7.42 -13.01 -0.77
C ARG A 157 6.08 -13.62 -0.36
N LYS A 158 5.73 -13.52 0.93
CA LYS A 158 4.45 -14.04 1.39
C LYS A 158 3.29 -13.29 0.74
N VAL A 159 3.42 -11.98 0.56
CA VAL A 159 2.36 -11.22 -0.07
C VAL A 159 2.21 -11.63 -1.54
N ILE A 160 3.32 -11.81 -2.25
CA ILE A 160 3.22 -12.22 -3.64
C ILE A 160 2.56 -13.59 -3.76
N LEU A 161 2.92 -14.53 -2.87
CA LEU A 161 2.28 -15.84 -2.89
C LEU A 161 0.78 -15.72 -2.62
N LEU A 162 0.40 -14.86 -1.68
CA LEU A 162 -1.01 -14.64 -1.40
C LEU A 162 -1.73 -14.13 -2.64
N MET A 163 -1.10 -13.20 -3.36
N MET A 163 -1.12 -13.19 -3.37
CA MET A 163 -1.72 -12.68 -4.59
CA MET A 163 -1.76 -12.68 -4.57
C MET A 163 -1.85 -13.75 -5.64
C MET A 163 -1.85 -13.74 -5.66
N GLU A 164 -0.87 -14.65 -5.75
CA GLU A 164 -0.99 -15.76 -6.70
C GLU A 164 -2.20 -16.63 -6.37
N GLN A 165 -2.45 -16.85 -5.08
CA GLN A 165 -3.59 -17.67 -4.67
C GLN A 165 -4.91 -16.99 -5.01
N TRP A 166 -5.01 -15.69 -4.78
CA TRP A 166 -6.24 -14.98 -5.13
C TRP A 166 -6.42 -14.90 -6.64
N LYS A 167 -5.32 -14.82 -7.41
CA LYS A 167 -5.45 -14.81 -8.86
C LYS A 167 -5.85 -16.19 -9.40
N ASN A 168 -5.33 -17.25 -8.79
CA ASN A 168 -5.77 -18.59 -9.14
C ASN A 168 -7.28 -18.72 -9.01
N ARG A 169 -7.86 -18.18 -7.93
CA ARG A 169 -9.31 -18.21 -7.74
C ARG A 169 -10.04 -17.21 -8.65
N ASN A 170 -9.39 -16.08 -8.97
CA ASN A 170 -10.00 -15.01 -9.77
C ASN A 170 -9.04 -14.59 -10.87
N PRO A 171 -8.91 -15.40 -11.92
CA PRO A 171 -7.90 -15.11 -12.94
C PRO A 171 -8.08 -13.77 -13.61
N SER A 172 -9.29 -13.25 -13.65
CA SER A 172 -9.59 -11.99 -14.31
C SER A 172 -9.56 -10.78 -13.39
N ALA A 173 -9.22 -10.97 -12.11
CA ALA A 173 -9.27 -9.88 -11.14
C ALA A 173 -8.20 -8.82 -11.42
N SER A 174 -8.58 -7.57 -11.25
CA SER A 174 -7.62 -6.49 -11.12
C SER A 174 -6.92 -6.61 -9.76
N CYS A 175 -5.60 -6.44 -9.73
CA CYS A 175 -4.84 -6.56 -8.48
C CYS A 175 -3.97 -5.35 -8.26
N VAL A 176 -3.90 -4.92 -7.00
CA VAL A 176 -2.91 -3.93 -6.60
C VAL A 176 -2.36 -4.36 -5.25
N PHE A 177 -1.04 -4.44 -5.13
CA PHE A 177 -0.50 -4.86 -3.84
C PHE A 177 0.85 -4.22 -3.56
N LYS A 178 1.10 -3.99 -2.27
CA LYS A 178 2.39 -3.47 -1.85
C LYS A 178 3.47 -4.51 -2.07
N VAL A 179 4.63 -4.04 -2.53
CA VAL A 179 5.84 -4.85 -2.61
C VAL A 179 6.85 -4.15 -1.71
N LEU A 180 6.97 -4.64 -0.47
CA LEU A 180 7.72 -3.93 0.54
C LEU A 180 9.19 -3.79 0.15
N ALA A 181 9.81 -4.87 -0.33
CA ALA A 181 11.26 -4.91 -0.57
C ALA A 181 11.51 -5.44 -1.97
N PRO A 182 11.19 -4.64 -3.00
CA PRO A 182 11.39 -5.10 -4.36
C PRO A 182 12.84 -5.20 -4.74
N TYR A 183 13.74 -4.65 -3.93
CA TYR A 183 15.18 -4.70 -4.17
C TYR A 183 15.80 -6.05 -3.84
N ARG A 184 15.05 -6.99 -3.23
CA ARG A 184 15.61 -8.31 -2.91
C ARG A 184 15.56 -9.24 -4.12
N PRO A 185 16.64 -9.97 -4.41
CA PRO A 185 16.64 -10.88 -5.57
C PRO A 185 15.52 -11.90 -5.55
N GLU A 186 15.20 -12.46 -4.38
CA GLU A 186 14.14 -13.46 -4.32
C GLU A 186 12.75 -12.85 -4.51
N VAL A 187 12.58 -11.56 -4.22
CA VAL A 187 11.32 -10.89 -4.54
C VAL A 187 11.22 -10.63 -6.04
N ILE A 188 12.30 -10.14 -6.65
CA ILE A 188 12.30 -9.91 -8.09
C ILE A 188 11.94 -11.18 -8.85
N GLU A 189 12.46 -12.33 -8.40
CA GLU A 189 12.15 -13.59 -9.09
C GLU A 189 10.67 -13.95 -8.94
N ALA A 190 10.14 -13.84 -7.73
CA ALA A 190 8.72 -14.14 -7.53
C ALA A 190 7.83 -13.15 -8.29
N LEU A 191 8.25 -11.88 -8.36
CA LEU A 191 7.49 -10.88 -9.10
C LEU A 191 7.54 -11.13 -10.60
N HIS A 192 8.70 -11.52 -11.12
CA HIS A 192 8.79 -11.82 -12.54
C HIS A 192 7.85 -12.95 -12.93
N ARG A 193 7.77 -13.99 -12.10
CA ARG A 193 6.84 -15.09 -12.40
C ARG A 193 5.40 -14.63 -12.36
N PHE A 194 5.05 -13.77 -11.38
CA PHE A 194 3.71 -13.18 -11.36
C PHE A 194 3.43 -12.44 -12.66
N GLN A 195 4.38 -11.62 -13.08
CA GLN A 195 4.22 -10.83 -14.29
C GLN A 195 4.05 -11.70 -15.53
N LEU A 196 4.78 -12.80 -15.62
CA LEU A 196 4.68 -13.64 -16.81
C LEU A 196 3.30 -14.30 -16.94
N GLN A 197 2.64 -14.56 -15.82
CA GLN A 197 1.28 -15.12 -15.87
C GLN A 197 0.17 -14.07 -15.95
N TRP A 198 0.30 -12.96 -15.24
CA TRP A 198 -0.82 -12.04 -15.04
C TRP A 198 -0.61 -10.64 -15.58
N GLY A 199 0.55 -10.33 -16.13
CA GLY A 199 0.83 -8.96 -16.54
C GLY A 199 1.05 -8.08 -15.32
N GLY A 200 1.21 -6.78 -15.58
CA GLY A 200 1.41 -5.83 -14.51
C GLY A 200 2.81 -5.27 -14.46
N GLY A 201 3.02 -4.44 -13.45
CA GLY A 201 4.28 -3.72 -13.28
C GLY A 201 4.26 -2.95 -11.99
N LEU A 202 5.37 -2.29 -11.70
CA LEU A 202 5.59 -1.64 -10.43
C LEU A 202 5.64 -0.13 -10.58
N VAL A 203 5.19 0.57 -9.53
CA VAL A 203 5.23 2.03 -9.51
C VAL A 203 5.50 2.50 -8.08
N ARG A 204 6.22 3.61 -7.96
CA ARG A 204 6.48 4.26 -6.68
C ARG A 204 5.48 5.39 -6.48
N THR A 205 4.80 5.45 -5.23
CA THR A 205 3.98 6.64 -5.02
C THR A 205 4.79 7.77 -4.36
N PRO A 206 4.41 9.03 -4.58
CA PRO A 206 5.18 10.14 -4.02
C PRO A 206 4.95 10.37 -2.54
N PHE A 207 4.04 9.62 -1.91
CA PHE A 207 3.79 9.72 -0.48
C PHE A 207 4.68 8.78 0.32
N SER A 208 5.32 7.82 -0.31
CA SER A 208 6.16 6.88 0.42
C SER A 208 7.40 7.60 0.96
N ARG A 209 7.75 7.33 2.22
CA ARG A 209 8.94 7.96 2.81
C ARG A 209 10.21 7.38 2.20
N ASN A 210 11.29 8.17 2.24
CA ASN A 210 12.57 7.68 1.71
C ASN A 210 13.16 6.55 2.54
N SER A 211 12.64 6.34 3.75
CA SER A 211 13.14 5.26 4.59
C SER A 211 12.54 3.92 4.23
N THR A 212 11.73 3.83 3.19
CA THR A 212 11.21 2.55 2.72
C THR A 212 11.37 2.46 1.20
N HIS A 213 11.62 1.25 0.72
CA HIS A 213 11.74 1.00 -0.71
C HIS A 213 10.44 0.51 -1.32
N GLU A 214 9.34 0.61 -0.58
CA GLU A 214 8.07 0.04 -1.02
C GLU A 214 7.68 0.54 -2.41
N MET A 215 7.25 -0.39 -3.25
CA MET A 215 6.58 -0.02 -4.49
C MET A 215 5.29 -0.82 -4.61
N TYR A 216 4.42 -0.38 -5.51
CA TYR A 216 3.11 -0.99 -5.66
C TYR A 216 3.03 -1.67 -7.03
N TYR A 217 2.55 -2.91 -7.00
CA TYR A 217 2.37 -3.71 -8.20
C TYR A 217 0.91 -3.63 -8.60
N SER A 218 0.66 -3.43 -9.89
CA SER A 218 -0.73 -3.40 -10.35
C SER A 218 -0.82 -4.11 -11.69
N THR A 219 -1.88 -4.90 -11.87
CA THR A 219 -2.10 -5.56 -13.15
C THR A 219 -2.48 -4.57 -14.25
N ALA A 220 -2.77 -3.32 -13.91
CA ALA A 220 -3.18 -2.35 -14.92
C ALA A 220 -2.03 -1.63 -15.59
N ILE A 221 -0.78 -1.86 -15.16
CA ILE A 221 0.35 -1.19 -15.81
C ILE A 221 1.32 -2.24 -16.36
N SER A 222 2.45 -1.79 -16.91
N SER A 222 2.44 -1.80 -16.93
CA SER A 222 3.43 -2.69 -17.48
CA SER A 222 3.43 -2.71 -17.48
C SER A 222 4.81 -2.21 -17.07
C SER A 222 4.81 -2.22 -17.06
N GLY A 223 5.85 -2.79 -17.66
CA GLY A 223 7.20 -2.32 -17.37
C GLY A 223 8.15 -3.36 -16.83
N ASN A 224 9.38 -3.32 -17.35
CA ASN A 224 10.44 -4.19 -16.87
C ASN A 224 10.65 -4.01 -15.38
N ILE A 225 10.61 -5.13 -14.64
CA ILE A 225 10.64 -5.04 -13.19
C ILE A 225 12.02 -4.59 -12.72
N VAL A 226 13.07 -5.23 -13.23
CA VAL A 226 14.42 -4.88 -12.76
C VAL A 226 14.71 -3.41 -13.00
N ASN A 227 14.37 -2.89 -14.19
CA ASN A 227 14.56 -1.47 -14.44
C ASN A 227 13.77 -0.60 -13.46
N SER A 228 12.51 -0.95 -13.19
CA SER A 228 11.71 -0.10 -12.30
C SER A 228 12.34 -0.02 -10.91
N VAL A 229 12.78 -1.16 -10.38
CA VAL A 229 13.40 -1.19 -9.06
C VAL A 229 14.70 -0.39 -9.06
N ASN A 230 15.56 -0.58 -10.07
CA ASN A 230 16.85 0.13 -10.09
C ASN A 230 16.67 1.64 -10.19
N VAL A 231 15.74 2.10 -11.03
CA VAL A 231 15.46 3.51 -11.10
C VAL A 231 15.11 4.04 -9.71
N GLN A 232 14.28 3.29 -8.99
CA GLN A 232 13.86 3.76 -7.67
C GLN A 232 15.01 3.75 -6.68
N SER A 233 15.85 2.71 -6.73
CA SER A 233 17.01 2.68 -5.84
C SER A 233 17.93 3.89 -6.07
N ARG A 234 18.16 4.25 -7.33
CA ARG A 234 18.99 5.42 -7.64
C ARG A 234 18.38 6.69 -7.08
N LYS A 235 17.07 6.84 -7.24
CA LYS A 235 16.39 8.02 -6.70
C LYS A 235 16.54 8.10 -5.19
N LEU A 236 16.40 6.96 -4.49
CA LEU A 236 16.54 6.94 -3.03
C LEU A 236 17.96 7.29 -2.61
N LEU A 237 18.96 6.78 -3.32
CA LEU A 237 20.34 7.13 -2.99
C LEU A 237 20.62 8.61 -3.29
N ALA A 238 20.05 9.14 -4.36
CA ALA A 238 20.27 10.54 -4.69
C ALA A 238 19.73 11.49 -3.62
N ARG A 239 18.81 11.04 -2.77
CA ARG A 239 18.24 11.95 -1.79
C ARG A 239 19.02 12.06 -0.49
N PHE A 240 19.99 11.19 -0.26
CA PHE A 240 20.89 11.36 0.88
C PHE A 240 21.63 12.68 0.75
N GLY A 241 21.56 13.51 1.78
CA GLY A 241 22.13 14.83 1.75
C GLY A 241 21.17 15.94 1.38
N ASP A 242 20.01 15.63 0.80
CA ASP A 242 19.04 16.66 0.45
C ASP A 242 18.48 17.34 1.68
N GLN A 243 18.42 18.67 1.63
CA GLN A 243 18.00 19.48 2.76
C GLN A 243 16.52 19.86 2.71
N ARG A 244 15.91 19.84 1.52
CA ARG A 244 14.49 20.09 1.39
C ARG A 244 13.70 19.21 2.34
N GLY A 245 12.57 19.70 2.81
CA GLY A 245 11.72 18.92 3.67
C GLY A 245 10.60 18.28 2.88
N PRO A 246 9.54 17.89 3.56
CA PRO A 246 8.38 17.34 2.85
C PRO A 246 7.54 18.44 2.22
N ILE A 247 6.81 18.08 1.17
CA ILE A 247 5.80 18.96 0.59
C ILE A 247 4.46 18.61 1.23
N ARG A 248 3.83 19.60 1.87
CA ARG A 248 2.57 19.40 2.57
C ARG A 248 1.41 19.57 1.60
N VAL A 249 0.45 18.65 1.65
CA VAL A 249 -0.74 18.73 0.81
C VAL A 249 -1.96 18.46 1.68
N PRO A 250 -3.15 18.87 1.23
CA PRO A 250 -4.36 18.59 2.01
C PRO A 250 -4.65 17.09 2.08
N GLU A 251 -5.22 16.69 3.22
CA GLU A 251 -5.67 15.31 3.36
C GLU A 251 -6.93 15.07 2.54
N MET A 252 -7.09 13.84 2.07
CA MET A 252 -8.30 13.45 1.35
C MET A 252 -9.49 13.56 2.28
N ASP A 253 -10.57 14.20 1.81
CA ASP A 253 -11.88 14.14 2.46
C ASP A 253 -12.87 13.52 1.49
N LEU A 254 -13.35 12.32 1.82
CA LEU A 254 -14.26 11.61 0.94
C LEU A 254 -15.71 12.05 1.13
N GLY A 255 -16.00 12.88 2.13
CA GLY A 255 -17.38 13.14 2.50
C GLY A 255 -17.97 11.96 3.25
N VAL A 256 -19.21 12.13 3.72
CA VAL A 256 -19.87 11.13 4.55
C VAL A 256 -21.18 10.71 3.90
N GLY A 257 -21.68 9.56 4.33
CA GLY A 257 -23.00 9.11 3.92
C GLY A 257 -22.96 7.70 3.36
N THR A 258 -24.16 7.18 3.15
CA THR A 258 -24.29 5.84 2.62
C THR A 258 -24.32 5.87 1.09
N ARG A 259 -24.03 4.71 0.50
CA ARG A 259 -24.32 4.48 -0.90
C ARG A 259 -25.33 3.35 -1.00
N HIS A 260 -26.25 3.45 -1.96
CA HIS A 260 -27.27 2.42 -2.13
C HIS A 260 -27.53 2.10 -3.60
#